data_7FEV
#
_entry.id   7FEV
#
_cell.length_a   52.850
_cell.length_b   59.137
_cell.length_c   122.806
_cell.angle_alpha   90.000
_cell.angle_beta   90.000
_cell.angle_gamma   90.000
#
_symmetry.space_group_name_H-M   'P 21 21 21'
#
loop_
_entity.id
_entity.type
_entity.pdbx_description
1 polymer 'FMN binding'
2 non-polymer 'FLAVIN MONONUCLEOTIDE'
3 water water
#
_entity_poly.entity_id   1
_entity_poly.type   'polypeptide(L)'
_entity_poly.pdbx_seq_one_letter_code
;MAPSARYESSSSDASALGKPLKFEFSGQSAPNRFLKGAMTERMSSWDPENLEARGVPSKNLINLYRRWGEGGIGLILTGN
IMIEYDQLEAAGNPIIPRDSDFSGERFEAFKELATEAKKHGSLIVGQVSHPGRQVESKIQKNPVSASDVQLKGEVMGMTF
AKPRAATDEDIANIIQGFVHAAQYLEKAGYSGIELHGAHGYLLAQFLSPTTNKRTDKYGGSIENRARIIVEITDAIRKRV
SSSFVVGIKLNSVEFQDNGFNPDEARQICKILEENKFDFVELSGGTYEKNAFVHQRETTKKREGFFLEFAESIAPVLSKT
KTYITGGFKSVGAMVAALDVVDGVGLARPLAQEPRLCKDILEGTVTGAIKQRIDENNFILTNIAAGTQMRLVGKDQEPID
LSQEENMGPFLQDVGTWTEKMANNTNQREYGYVDITSAQVVPYGTASG
;
_entity_poly.pdbx_strand_id   A
#
# COMPACT_ATOMS: atom_id res chain seq x y z
N PRO A 3 7.84 -9.76 -28.55
CA PRO A 3 6.94 -8.88 -27.79
C PRO A 3 6.36 -9.59 -26.57
N SER A 4 5.88 -8.81 -25.60
CA SER A 4 5.38 -9.38 -24.37
C SER A 4 3.99 -9.99 -24.56
N ALA A 5 3.75 -11.14 -23.94
CA ALA A 5 2.40 -11.65 -23.83
C ALA A 5 1.62 -10.77 -22.86
N ARG A 6 0.35 -10.52 -23.18
CA ARG A 6 -0.46 -9.62 -22.36
C ARG A 6 -1.82 -10.24 -22.06
N TYR A 7 -2.39 -9.83 -20.94
CA TYR A 7 -3.76 -10.19 -20.62
C TYR A 7 -4.69 -9.65 -21.70
N GLU A 8 -5.64 -10.48 -22.12
CA GLU A 8 -6.59 -10.04 -23.13
C GLU A 8 -7.66 -9.16 -22.50
N SER A 9 -8.23 -8.28 -23.32
CA SER A 9 -9.27 -7.37 -22.87
C SER A 9 -10.53 -7.57 -23.70
N SER A 10 -11.68 -7.49 -23.05
CA SER A 10 -12.97 -7.59 -23.73
C SER A 10 -13.34 -6.31 -24.48
N SER A 11 -12.63 -5.21 -24.24
CA SER A 11 -12.94 -3.97 -24.93
C SER A 11 -11.68 -3.13 -25.04
N SER A 12 -11.71 -2.19 -25.98
CA SER A 12 -10.58 -1.30 -26.22
C SER A 12 -10.88 0.15 -25.88
N ASP A 13 -12.06 0.44 -25.33
CA ASP A 13 -12.41 1.82 -24.98
C ASP A 13 -12.00 2.10 -23.54
N ALA A 14 -10.86 2.78 -23.37
CA ALA A 14 -10.37 3.15 -22.04
C ALA A 14 -10.74 4.57 -21.65
N SER A 15 -11.55 5.26 -22.47
CA SER A 15 -11.72 6.70 -22.29
C SER A 15 -12.29 7.05 -20.91
N ALA A 16 -13.13 6.18 -20.35
CA ALA A 16 -13.68 6.46 -19.02
C ALA A 16 -12.59 6.54 -17.97
N LEU A 17 -11.49 5.80 -18.14
CA LEU A 17 -10.45 5.80 -17.13
C LEU A 17 -9.67 7.11 -17.11
N GLY A 18 -9.78 7.93 -18.15
CA GLY A 18 -9.04 9.17 -18.22
C GLY A 18 -9.77 10.35 -17.62
N LYS A 19 -10.98 10.16 -17.12
CA LYS A 19 -11.75 11.28 -16.56
C LYS A 19 -11.19 11.67 -15.19
N PRO A 20 -10.97 12.95 -14.93
CA PRO A 20 -10.54 13.36 -13.58
C PRO A 20 -11.58 12.94 -12.54
N LEU A 21 -11.10 12.81 -11.31
CA LEU A 21 -11.92 12.47 -10.15
C LEU A 21 -11.76 13.56 -9.09
N LYS A 22 -12.84 14.27 -8.78
CA LYS A 22 -12.76 15.38 -7.83
C LYS A 22 -13.09 14.87 -6.42
N PHE A 23 -12.15 15.07 -5.50
CA PHE A 23 -12.38 14.73 -4.10
C PHE A 23 -13.13 15.87 -3.41
N GLU A 24 -14.23 15.52 -2.71
CA GLU A 24 -15.19 16.52 -2.26
C GLU A 24 -14.71 17.30 -1.04
N PHE A 25 -13.90 16.68 -0.19
CA PHE A 25 -13.49 17.37 1.03
C PHE A 25 -12.25 18.23 0.80
N SER A 26 -11.20 17.65 0.24
CA SER A 26 -9.98 18.41 -0.03
C SER A 26 -10.17 19.42 -1.15
N GLY A 27 -11.08 19.14 -2.08
CA GLY A 27 -11.21 19.95 -3.26
C GLY A 27 -10.19 19.67 -4.35
N GLN A 28 -9.20 18.80 -4.10
CA GLN A 28 -8.25 18.41 -5.13
C GLN A 28 -8.87 17.39 -6.06
N SER A 29 -8.33 17.29 -7.27
CA SER A 29 -8.72 16.26 -8.22
C SER A 29 -7.55 15.38 -8.59
N ALA A 30 -7.78 14.06 -8.66
CA ALA A 30 -6.87 13.17 -9.37
C ALA A 30 -7.12 13.30 -10.87
N PRO A 31 -6.08 13.44 -11.70
CA PRO A 31 -6.33 13.75 -13.12
C PRO A 31 -6.86 12.57 -13.93
N ASN A 32 -6.90 11.36 -13.37
CA ASN A 32 -7.59 10.25 -14.02
C ASN A 32 -8.00 9.26 -12.92
N ARG A 33 -8.56 8.12 -13.34
CA ARG A 33 -9.15 7.16 -12.42
C ARG A 33 -8.19 6.07 -11.97
N PHE A 34 -6.91 6.16 -12.34
CA PHE A 34 -5.91 5.19 -11.95
C PHE A 34 -5.25 5.56 -10.62
N LEU A 35 -5.09 4.55 -9.78
CA LEU A 35 -4.35 4.66 -8.55
C LEU A 35 -3.23 3.63 -8.57
N LYS A 36 -2.03 4.05 -8.19
CA LYS A 36 -0.88 3.15 -8.07
C LYS A 36 -0.84 2.68 -6.63
N GLY A 37 -1.18 1.41 -6.39
CA GLY A 37 -1.29 0.92 -5.04
C GLY A 37 0.02 1.01 -4.29
N ALA A 38 -0.09 1.25 -2.98
CA ALA A 38 1.08 1.31 -2.11
C ALA A 38 1.88 0.02 -2.22
N MET A 39 3.20 0.14 -2.32
CA MET A 39 4.07 -1.04 -2.30
C MET A 39 5.31 -0.71 -1.49
N THR A 40 5.51 -1.44 -0.39
CA THR A 40 6.71 -1.27 0.43
C THR A 40 7.96 -1.52 -0.42
N GLU A 41 8.81 -0.51 -0.54
CA GLU A 41 9.91 -0.54 -1.51
C GLU A 41 11.19 -1.07 -0.90
N ARG A 42 11.35 -0.89 0.41
CA ARG A 42 12.55 -1.32 1.14
C ARG A 42 13.82 -0.74 0.53
N MET A 43 13.76 0.55 0.21
CA MET A 43 14.84 1.31 -0.40
C MET A 43 15.10 2.61 0.34
N SER A 44 14.83 2.62 1.64
CA SER A 44 15.26 3.68 2.53
C SER A 44 16.38 3.16 3.42
N SER A 45 17.10 4.09 4.04
CA SER A 45 18.30 3.71 4.78
C SER A 45 17.96 2.72 5.90
N TRP A 46 18.90 1.84 6.20
CA TRP A 46 18.70 0.81 7.21
C TRP A 46 20.00 0.61 7.98
N ASP A 47 19.87 0.47 9.30
CA ASP A 47 21.01 0.11 10.15
C ASP A 47 20.45 -0.75 11.27
N PRO A 48 20.86 -2.03 11.36
CA PRO A 48 20.30 -2.88 12.41
C PRO A 48 20.71 -2.47 13.81
N GLU A 49 21.80 -1.72 13.96
CA GLU A 49 22.33 -1.41 15.27
C GLU A 49 22.13 0.04 15.68
N ASN A 50 21.50 0.86 14.84
CA ASN A 50 21.37 2.28 15.10
C ASN A 50 20.01 2.77 14.65
N LEU A 51 19.22 3.31 15.57
CA LEU A 51 17.82 3.66 15.26
C LEU A 51 17.74 4.85 14.32
N GLU A 52 18.43 5.94 14.64
CA GLU A 52 18.22 7.20 13.93
C GLU A 52 18.73 7.14 12.49
N ALA A 53 19.65 6.22 12.18
CA ALA A 53 20.20 6.12 10.83
C ALA A 53 19.22 5.52 9.82
N ARG A 54 18.00 5.21 10.23
CA ARG A 54 17.06 4.47 9.40
C ARG A 54 16.03 5.39 8.78
N GLY A 55 15.53 4.97 7.62
CA GLY A 55 14.27 5.49 7.11
C GLY A 55 14.37 6.69 6.20
N VAL A 56 15.56 7.07 5.74
CA VAL A 56 15.74 8.21 4.86
C VAL A 56 15.59 7.71 3.43
N PRO A 57 14.65 8.23 2.64
CA PRO A 57 14.54 7.77 1.25
C PRO A 57 15.85 7.95 0.50
N SER A 58 16.26 6.89 -0.18
CA SER A 58 17.50 6.90 -0.96
C SER A 58 17.30 7.58 -2.29
N LYS A 59 18.42 7.85 -2.96
CA LYS A 59 18.35 8.38 -4.32
C LYS A 59 17.63 7.41 -5.24
N ASN A 60 17.86 6.11 -5.04
CA ASN A 60 17.16 5.14 -5.88
C ASN A 60 15.66 5.16 -5.63
N LEU A 61 15.24 5.35 -4.37
CA LEU A 61 13.80 5.44 -4.08
C LEU A 61 13.19 6.65 -4.74
N ILE A 62 13.88 7.79 -4.68
CA ILE A 62 13.42 8.99 -5.37
C ILE A 62 13.30 8.72 -6.87
N ASN A 63 14.27 8.00 -7.44
CA ASN A 63 14.20 7.74 -8.87
C ASN A 63 13.01 6.85 -9.23
N LEU A 64 12.68 5.87 -8.37
CA LEU A 64 11.48 5.07 -8.60
C LEU A 64 10.25 5.95 -8.72
N TYR A 65 10.10 6.92 -7.82
CA TYR A 65 8.93 7.80 -7.90
C TYR A 65 9.05 8.81 -9.03
N ARG A 66 10.27 9.20 -9.41
CA ARG A 66 10.45 9.99 -10.63
C ARG A 66 9.87 9.26 -11.83
N ARG A 67 10.19 7.97 -11.97
CA ARG A 67 9.69 7.25 -13.14
C ARG A 67 8.18 6.99 -13.06
N TRP A 68 7.65 6.67 -11.88
CA TRP A 68 6.20 6.53 -11.79
C TRP A 68 5.52 7.86 -12.06
N GLY A 69 6.17 8.97 -11.68
CA GLY A 69 5.61 10.29 -11.97
C GLY A 69 5.48 10.60 -13.45
N GLU A 70 6.22 9.87 -14.29
CA GLU A 70 6.15 10.01 -15.74
C GLU A 70 5.19 9.02 -16.39
N GLY A 71 4.49 8.22 -15.60
CA GLY A 71 3.71 7.09 -16.10
C GLY A 71 2.23 7.33 -16.32
N GLY A 72 1.76 8.57 -16.23
CA GLY A 72 0.37 8.85 -16.50
C GLY A 72 -0.62 8.44 -15.41
N ILE A 73 -0.18 8.40 -14.15
CA ILE A 73 -0.98 7.86 -13.04
C ILE A 73 -1.73 8.99 -12.34
N GLY A 74 -3.01 8.79 -12.05
CA GLY A 74 -3.77 9.85 -11.39
C GLY A 74 -3.33 10.06 -9.95
N LEU A 75 -3.27 8.97 -9.18
CA LEU A 75 -2.94 9.05 -7.76
C LEU A 75 -1.88 8.00 -7.45
N ILE A 76 -0.69 8.46 -7.06
CA ILE A 76 0.41 7.58 -6.70
C ILE A 76 0.46 7.46 -5.19
N LEU A 77 0.40 6.24 -4.66
CA LEU A 77 0.63 6.02 -3.22
C LEU A 77 2.07 5.60 -2.97
N THR A 78 2.68 6.09 -1.89
CA THR A 78 3.93 5.45 -1.45
C THR A 78 3.63 4.11 -0.81
N GLY A 79 4.66 3.28 -0.68
CA GLY A 79 4.58 2.19 0.27
C GLY A 79 4.47 2.72 1.68
N ASN A 80 4.12 1.85 2.63
CA ASN A 80 3.84 2.34 3.98
C ASN A 80 5.07 3.02 4.59
N ILE A 81 4.82 4.18 5.20
CA ILE A 81 5.83 5.00 5.88
C ILE A 81 5.60 4.83 7.37
N MET A 82 6.66 4.57 8.12
CA MET A 82 6.58 4.33 9.56
C MET A 82 6.71 5.64 10.33
N ILE A 83 6.32 5.60 11.61
CA ILE A 83 6.27 6.79 12.45
C ILE A 83 7.18 6.69 13.68
N GLU A 84 7.92 5.59 13.84
CA GLU A 84 8.94 5.49 14.88
C GLU A 84 10.08 4.64 14.33
N TYR A 85 11.29 4.87 14.86
CA TYR A 85 12.48 4.20 14.34
C TYR A 85 12.44 2.70 14.53
N ASP A 86 11.78 2.21 15.58
CA ASP A 86 11.76 0.78 15.90
C ASP A 86 10.37 0.18 15.76
N GLN A 87 9.52 0.78 14.92
CA GLN A 87 8.17 0.26 14.68
C GLN A 87 8.04 0.12 13.18
N LEU A 88 8.63 -0.95 12.64
CA LEU A 88 8.82 -1.07 11.20
C LEU A 88 8.12 -2.32 10.67
N GLU A 89 7.40 -2.13 9.56
CA GLU A 89 6.95 -3.27 8.76
C GLU A 89 8.13 -4.05 8.20
N ALA A 90 9.20 -3.36 7.83
CA ALA A 90 10.37 -4.01 7.25
C ALA A 90 11.59 -3.11 7.33
N ALA A 91 12.75 -3.74 7.46
CA ALA A 91 14.02 -3.04 7.24
C ALA A 91 14.02 -2.38 5.87
N GLY A 92 14.40 -1.11 5.83
CA GLY A 92 14.33 -0.36 4.60
C GLY A 92 13.07 0.47 4.43
N ASN A 93 12.12 0.40 5.37
CA ASN A 93 10.97 1.29 5.36
C ASN A 93 11.42 2.75 5.42
N PRO A 94 10.73 3.66 4.76
CA PRO A 94 10.87 5.09 5.09
C PRO A 94 10.25 5.34 6.45
N ILE A 95 10.81 6.33 7.17
CA ILE A 95 10.38 6.63 8.52
C ILE A 95 10.27 8.15 8.68
N ILE A 96 9.11 8.60 9.17
CA ILE A 96 8.94 9.97 9.65
C ILE A 96 8.81 9.87 11.16
N PRO A 97 9.91 10.04 11.91
CA PRO A 97 9.84 9.87 13.36
C PRO A 97 8.98 10.94 13.99
N ARG A 98 8.25 10.54 15.03
CA ARG A 98 7.32 11.46 15.68
C ARG A 98 8.01 12.75 16.12
N ASP A 99 9.31 12.69 16.48
CA ASP A 99 10.03 13.86 16.99
C ASP A 99 11.01 14.47 15.99
N SER A 100 10.75 14.32 14.69
CA SER A 100 11.66 14.84 13.66
C SER A 100 11.29 16.28 13.30
N ASP A 101 12.29 17.03 12.83
CA ASP A 101 12.07 18.40 12.41
C ASP A 101 11.56 18.45 10.97
N PHE A 102 10.89 19.54 10.64
CA PHE A 102 10.44 19.79 9.27
C PHE A 102 11.54 20.39 8.40
N SER A 103 12.77 19.90 8.53
CA SER A 103 13.93 20.41 7.81
C SER A 103 15.06 19.40 7.97
N GLY A 104 16.11 19.57 7.17
CA GLY A 104 17.26 18.69 7.23
C GLY A 104 17.24 17.60 6.18
N GLU A 105 18.24 16.71 6.27
CA GLU A 105 18.47 15.70 5.23
C GLU A 105 17.26 14.79 5.02
N ARG A 106 16.71 14.23 6.11
CA ARG A 106 15.55 13.36 5.97
C ARG A 106 14.38 14.09 5.33
N PHE A 107 14.11 15.31 5.79
CA PHE A 107 12.99 16.06 5.24
C PHE A 107 13.20 16.35 3.76
N GLU A 108 14.40 16.77 3.38
CA GLU A 108 14.64 17.10 1.98
C GLU A 108 14.54 15.87 1.09
N ALA A 109 14.89 14.70 1.62
CA ALA A 109 14.72 13.47 0.85
C ALA A 109 13.24 13.17 0.62
N PHE A 110 12.42 13.29 1.67
CA PHE A 110 10.98 13.08 1.48
C PHE A 110 10.41 14.10 0.52
N LYS A 111 10.87 15.36 0.64
CA LYS A 111 10.41 16.41 -0.26
C LYS A 111 10.78 16.11 -1.70
N GLU A 112 12.01 15.62 -1.93
CA GLU A 112 12.44 15.33 -3.29
C GLU A 112 11.62 14.20 -3.90
N LEU A 113 11.27 13.18 -3.09
CA LEU A 113 10.40 12.12 -3.58
C LEU A 113 9.07 12.69 -4.07
N ALA A 114 8.45 13.56 -3.26
CA ALA A 114 7.18 14.15 -3.68
C ALA A 114 7.34 15.04 -4.90
N THR A 115 8.43 15.82 -4.95
CA THR A 115 8.63 16.71 -6.09
C THR A 115 8.72 15.91 -7.39
N GLU A 116 9.45 14.80 -7.38
CA GLU A 116 9.56 13.99 -8.60
C GLU A 116 8.25 13.28 -8.92
N ALA A 117 7.54 12.82 -7.90
CA ALA A 117 6.31 12.07 -8.16
C ALA A 117 5.24 12.95 -8.80
N LYS A 118 5.18 14.23 -8.43
CA LYS A 118 4.10 15.11 -8.88
C LYS A 118 4.53 16.04 -10.02
N LYS A 119 5.74 15.86 -10.54
CA LYS A 119 6.30 16.80 -11.49
C LYS A 119 5.45 16.92 -12.75
N HIS A 120 4.73 15.85 -13.09
CA HIS A 120 3.93 15.81 -14.32
C HIS A 120 2.44 15.75 -14.02
N GLY A 121 2.03 16.17 -12.82
CA GLY A 121 0.62 16.35 -12.51
C GLY A 121 -0.07 15.23 -11.77
N SER A 122 0.63 14.12 -11.48
CA SER A 122 0.06 13.12 -10.58
C SER A 122 -0.10 13.68 -9.17
N LEU A 123 -1.08 13.16 -8.44
CA LEU A 123 -1.07 13.34 -6.99
C LEU A 123 -0.10 12.33 -6.38
N ILE A 124 0.56 12.72 -5.28
CA ILE A 124 1.44 11.84 -4.54
C ILE A 124 0.95 11.82 -3.09
N VAL A 125 0.50 10.66 -2.64
CA VAL A 125 -0.10 10.51 -1.33
C VAL A 125 0.76 9.57 -0.51
N GLY A 126 1.17 10.00 0.66
CA GLY A 126 2.01 9.15 1.49
C GLY A 126 1.18 8.23 2.35
N GLN A 127 1.40 6.92 2.22
CA GLN A 127 0.71 5.96 3.08
C GLN A 127 1.47 5.85 4.38
N VAL A 128 0.76 5.98 5.48
CA VAL A 128 1.39 5.97 6.80
C VAL A 128 0.80 4.85 7.64
N SER A 129 1.66 4.14 8.36
CA SER A 129 1.24 2.95 9.08
C SER A 129 2.08 2.80 10.35
N HIS A 130 1.48 2.15 11.33
CA HIS A 130 2.16 1.58 12.48
C HIS A 130 1.97 0.07 12.41
N PRO A 131 3.02 -0.74 12.62
CA PRO A 131 2.87 -2.19 12.44
C PRO A 131 2.13 -2.88 13.56
N GLY A 132 2.00 -2.25 14.74
CA GLY A 132 1.36 -2.93 15.85
C GLY A 132 2.08 -4.24 16.16
N ARG A 133 1.30 -5.31 16.29
CA ARG A 133 1.88 -6.61 16.66
C ARG A 133 2.71 -7.22 15.54
N GLN A 134 2.61 -6.68 14.32
CA GLN A 134 3.28 -7.27 13.15
C GLN A 134 4.58 -6.55 12.83
N VAL A 135 5.43 -6.38 13.85
CA VAL A 135 6.82 -5.98 13.68
C VAL A 135 7.67 -7.11 14.23
N GLU A 136 8.72 -7.47 13.49
CA GLU A 136 9.54 -8.62 13.86
C GLU A 136 10.25 -8.36 15.19
N SER A 137 10.43 -9.44 15.97
CA SER A 137 11.05 -9.32 17.29
C SER A 137 12.47 -8.78 17.19
N LYS A 138 13.18 -9.06 16.09
CA LYS A 138 14.52 -8.54 15.88
C LYS A 138 14.55 -7.02 15.81
N ILE A 139 13.43 -6.40 15.46
CA ILE A 139 13.33 -4.94 15.39
C ILE A 139 12.65 -4.36 16.63
N GLN A 140 11.68 -5.08 17.20
CA GLN A 140 10.92 -4.56 18.34
C GLN A 140 10.60 -5.72 19.27
N LYS A 141 11.20 -5.70 20.47
CA LYS A 141 10.96 -6.74 21.46
C LYS A 141 9.66 -6.57 22.23
N ASN A 142 9.06 -5.37 22.19
CA ASN A 142 7.91 -5.05 23.01
C ASN A 142 6.86 -4.35 22.16
N PRO A 143 6.28 -5.05 21.19
CA PRO A 143 5.29 -4.41 20.31
C PRO A 143 4.02 -4.08 21.05
N VAL A 144 3.24 -3.20 20.42
CA VAL A 144 1.99 -2.74 20.99
C VAL A 144 0.86 -3.10 20.04
N SER A 145 -0.32 -3.40 20.59
CA SER A 145 -1.47 -3.72 19.77
C SER A 145 -2.72 -3.16 20.44
N ALA A 146 -3.90 -3.45 19.86
CA ALA A 146 -5.14 -3.16 20.60
C ALA A 146 -5.19 -3.97 21.88
N SER A 147 -4.80 -5.24 21.80
CA SER A 147 -4.80 -6.15 22.93
C SER A 147 -3.49 -6.90 22.95
N ASP A 148 -3.48 -8.12 23.49
CA ASP A 148 -2.26 -8.88 23.69
C ASP A 148 -2.20 -10.13 22.83
N VAL A 149 -2.81 -10.09 21.65
CA VAL A 149 -2.96 -11.28 20.82
C VAL A 149 -1.72 -11.42 19.94
N GLN A 150 -0.89 -12.41 20.24
CA GLN A 150 0.38 -12.55 19.53
C GLN A 150 0.16 -13.07 18.13
N LEU A 151 0.93 -12.53 17.19
CA LEU A 151 0.93 -13.05 15.80
C LEU A 151 1.82 -14.29 15.87
N LYS A 152 1.21 -15.45 15.71
CA LYS A 152 1.90 -16.73 15.96
C LYS A 152 2.26 -17.42 14.64
N GLY A 153 3.40 -18.11 14.65
CA GLY A 153 3.83 -19.01 13.57
C GLY A 153 3.78 -18.49 12.15
N GLU A 154 4.46 -17.39 11.85
CA GLU A 154 4.44 -16.87 10.46
C GLU A 154 5.18 -17.86 9.57
N VAL A 155 4.62 -18.16 8.39
CA VAL A 155 5.18 -19.17 7.42
C VAL A 155 6.59 -18.75 6.98
N MET A 156 6.84 -17.44 6.88
CA MET A 156 8.18 -16.91 6.48
C MET A 156 9.14 -16.96 7.68
N GLY A 157 10.43 -16.67 7.44
CA GLY A 157 11.42 -16.74 8.53
C GLY A 157 11.42 -15.49 9.38
N MET A 158 10.29 -15.22 10.03
CA MET A 158 10.15 -13.99 10.85
C MET A 158 9.15 -14.26 11.96
N THR A 159 9.58 -14.02 13.20
CA THR A 159 8.73 -14.21 14.40
C THR A 159 8.42 -12.87 15.02
N PHE A 160 7.33 -12.85 15.77
CA PHE A 160 6.81 -11.63 16.40
C PHE A 160 6.61 -11.86 17.90
N ALA A 161 7.03 -10.90 18.68
CA ALA A 161 6.87 -10.98 20.13
C ALA A 161 5.41 -10.74 20.51
N LYS A 162 5.05 -11.21 21.71
CA LYS A 162 3.69 -10.99 22.20
C LYS A 162 3.51 -9.50 22.45
N PRO A 163 2.45 -8.88 21.93
CA PRO A 163 2.25 -7.46 22.14
C PRO A 163 1.62 -7.15 23.49
N ARG A 164 1.70 -5.89 23.88
CA ARG A 164 0.97 -5.37 25.02
C ARG A 164 -0.22 -4.56 24.52
N ALA A 165 -1.30 -4.55 25.31
CA ALA A 165 -2.43 -3.71 24.99
C ALA A 165 -2.02 -2.25 25.15
N ALA A 166 -2.37 -1.42 24.18
CA ALA A 166 -1.98 -0.02 24.22
C ALA A 166 -2.60 0.66 25.42
N THR A 167 -1.78 1.39 26.18
CA THR A 167 -2.33 2.23 27.22
C THR A 167 -2.88 3.50 26.59
N ASP A 168 -3.55 4.31 27.42
CA ASP A 168 -3.99 5.62 26.93
C ASP A 168 -2.82 6.44 26.42
N GLU A 169 -1.69 6.43 27.13
CA GLU A 169 -0.53 7.17 26.66
C GLU A 169 0.03 6.58 25.37
N ASP A 170 0.07 5.24 25.26
CA ASP A 170 0.48 4.61 24.01
C ASP A 170 -0.36 5.13 22.85
N ILE A 171 -1.68 5.16 23.04
CA ILE A 171 -2.58 5.61 21.97
C ILE A 171 -2.31 7.07 21.64
N ALA A 172 -2.06 7.89 22.66
CA ALA A 172 -1.78 9.30 22.39
C ALA A 172 -0.50 9.45 21.56
N ASN A 173 0.51 8.62 21.85
CA ASN A 173 1.76 8.68 21.10
C ASN A 173 1.56 8.19 19.67
N ILE A 174 0.72 7.16 19.48
CA ILE A 174 0.44 6.68 18.14
C ILE A 174 -0.27 7.76 17.34
N ILE A 175 -1.31 8.37 17.92
CA ILE A 175 -2.06 9.41 17.22
C ILE A 175 -1.12 10.53 16.81
N GLN A 176 -0.27 10.99 17.75
CA GLN A 176 0.61 12.10 17.44
C GLN A 176 1.64 11.73 16.39
N GLY A 177 2.06 10.46 16.34
CA GLY A 177 2.94 10.05 15.27
C GLY A 177 2.28 10.16 13.91
N PHE A 178 0.98 9.82 13.83
CA PHE A 178 0.25 9.95 12.57
C PHE A 178 0.05 11.43 12.23
N VAL A 179 -0.27 12.24 13.23
CA VAL A 179 -0.48 13.67 13.03
C VAL A 179 0.81 14.33 12.57
N HIS A 180 1.92 14.03 13.25
CA HIS A 180 3.19 14.60 12.83
C HIS A 180 3.53 14.20 11.40
N ALA A 181 3.25 12.94 11.05
CA ALA A 181 3.55 12.46 9.71
C ALA A 181 2.72 13.21 8.68
N ALA A 182 1.44 13.45 8.98
CA ALA A 182 0.60 14.21 8.07
C ALA A 182 1.14 15.64 7.89
N GLN A 183 1.50 16.30 8.99
CA GLN A 183 2.07 17.65 8.90
C GLN A 183 3.33 17.66 8.07
N TYR A 184 4.19 16.67 8.30
CA TYR A 184 5.47 16.52 7.62
C TYR A 184 5.27 16.33 6.12
N LEU A 185 4.40 15.39 5.75
CA LEU A 185 4.09 15.18 4.34
C LEU A 185 3.56 16.45 3.69
N GLU A 186 2.67 17.15 4.39
CA GLU A 186 2.16 18.40 3.83
C GLU A 186 3.28 19.40 3.60
N LYS A 187 4.14 19.59 4.60
CA LYS A 187 5.26 20.53 4.48
C LYS A 187 6.22 20.12 3.38
N ALA A 188 6.37 18.82 3.15
CA ALA A 188 7.28 18.30 2.14
C ALA A 188 6.64 18.26 0.75
N GLY A 189 5.42 18.78 0.60
CA GLY A 189 4.81 18.92 -0.71
C GLY A 189 3.95 17.76 -1.17
N TYR A 190 3.56 16.85 -0.29
CA TYR A 190 2.71 15.73 -0.68
C TYR A 190 1.28 16.19 -0.86
N SER A 191 0.55 15.48 -1.75
CA SER A 191 -0.84 15.84 -1.97
C SER A 191 -1.73 15.42 -0.81
N GLY A 192 -1.30 14.41 -0.05
CA GLY A 192 -2.16 13.93 1.02
C GLY A 192 -1.54 12.77 1.74
N ILE A 193 -2.37 12.14 2.57
CA ILE A 193 -1.99 11.01 3.39
C ILE A 193 -3.03 9.92 3.22
N GLU A 194 -2.59 8.67 3.20
CA GLU A 194 -3.50 7.53 3.29
C GLU A 194 -3.18 6.74 4.55
N LEU A 195 -4.19 6.53 5.40
CA LEU A 195 -4.02 5.71 6.58
C LEU A 195 -4.05 4.25 6.18
N HIS A 196 -3.09 3.48 6.66
CA HIS A 196 -3.07 2.05 6.34
C HIS A 196 -3.96 1.34 7.34
N GLY A 197 -5.21 1.06 6.94
CA GLY A 197 -6.12 0.35 7.81
C GLY A 197 -6.25 -1.13 7.50
N ALA A 198 -5.29 -1.71 6.78
CA ALA A 198 -5.42 -3.06 6.23
C ALA A 198 -4.24 -3.94 6.62
N HIS A 199 -4.27 -5.18 6.12
CA HIS A 199 -3.16 -6.14 6.18
C HIS A 199 -2.67 -6.42 7.59
N GLY A 200 -3.58 -6.36 8.57
CA GLY A 200 -3.21 -6.74 9.92
C GLY A 200 -2.25 -5.80 10.65
N TYR A 201 -2.04 -4.58 10.15
CA TYR A 201 -1.17 -3.65 10.87
C TYR A 201 -1.99 -2.97 11.96
N LEU A 202 -1.43 -1.93 12.60
CA LEU A 202 -2.00 -1.49 13.88
C LEU A 202 -3.46 -1.08 13.75
N LEU A 203 -3.79 -0.28 12.74
CA LEU A 203 -5.18 0.17 12.63
C LEU A 203 -6.12 -1.01 12.36
N ALA A 204 -5.72 -1.93 11.51
CA ALA A 204 -6.50 -3.16 11.32
C ALA A 204 -6.61 -3.97 12.60
N GLN A 205 -5.59 -3.94 13.46
CA GLN A 205 -5.67 -4.65 14.73
C GLN A 205 -6.77 -4.10 15.62
N PHE A 206 -6.99 -2.78 15.58
CA PHE A 206 -8.12 -2.21 16.31
C PHE A 206 -9.43 -2.54 15.64
N LEU A 207 -9.46 -2.60 14.30
CA LEU A 207 -10.72 -2.86 13.60
C LEU A 207 -11.19 -4.30 13.76
N SER A 208 -10.26 -5.26 13.87
CA SER A 208 -10.63 -6.67 13.82
C SER A 208 -10.96 -7.20 15.22
N PRO A 209 -12.11 -7.85 15.39
CA PRO A 209 -12.42 -8.45 16.69
C PRO A 209 -11.47 -9.58 17.08
N THR A 210 -10.75 -10.18 16.12
CA THR A 210 -9.84 -11.25 16.52
C THR A 210 -8.65 -10.70 17.27
N THR A 211 -8.25 -9.46 16.99
CA THR A 211 -7.12 -8.83 17.67
C THR A 211 -7.54 -7.77 18.68
N ASN A 212 -8.76 -7.25 18.60
CA ASN A 212 -9.23 -6.23 19.55
C ASN A 212 -10.18 -6.86 20.56
N LYS A 213 -9.66 -7.15 21.76
CA LYS A 213 -10.45 -7.66 22.87
C LYS A 213 -10.68 -6.59 23.94
N ARG A 214 -10.48 -5.33 23.60
CA ARG A 214 -10.57 -4.27 24.59
C ARG A 214 -11.98 -4.14 25.13
N THR A 215 -12.06 -3.68 26.38
CA THR A 215 -13.34 -3.41 27.03
C THR A 215 -13.60 -1.93 27.25
N ASP A 216 -12.67 -1.07 26.88
CA ASP A 216 -12.82 0.38 27.05
C ASP A 216 -13.42 0.95 25.77
N LYS A 217 -13.34 2.28 25.59
CA LYS A 217 -13.97 2.94 24.45
C LYS A 217 -13.33 2.61 23.11
N TYR A 218 -12.24 1.84 23.06
CA TYR A 218 -11.61 1.50 21.79
C TYR A 218 -11.93 0.08 21.36
N GLY A 219 -12.80 -0.62 22.09
CA GLY A 219 -13.15 -1.98 21.75
C GLY A 219 -14.64 -2.18 21.83
N GLY A 220 -15.10 -3.26 21.18
CA GLY A 220 -16.51 -3.59 21.20
C GLY A 220 -17.21 -3.32 19.88
N SER A 221 -18.05 -2.28 19.85
CA SER A 221 -18.81 -1.93 18.67
C SER A 221 -17.88 -1.48 17.54
N ILE A 222 -18.42 -1.44 16.33
CA ILE A 222 -17.62 -0.99 15.18
C ILE A 222 -17.16 0.45 15.39
N GLU A 223 -18.03 1.29 15.96
CA GLU A 223 -17.65 2.67 16.23
C GLU A 223 -16.50 2.75 17.23
N ASN A 224 -16.53 1.89 18.25
CA ASN A 224 -15.44 1.89 19.21
C ASN A 224 -14.16 1.35 18.58
N ARG A 225 -14.27 0.29 17.78
CA ARG A 225 -13.08 -0.26 17.14
C ARG A 225 -12.47 0.72 16.14
N ALA A 226 -13.27 1.60 15.56
CA ALA A 226 -12.79 2.63 14.65
C ALA A 226 -12.40 3.93 15.35
N ARG A 227 -12.57 4.01 16.68
CA ARG A 227 -12.36 5.29 17.37
C ARG A 227 -10.95 5.84 17.16
N ILE A 228 -9.93 4.98 17.24
CA ILE A 228 -8.55 5.47 17.08
C ILE A 228 -8.34 6.09 15.70
N ILE A 229 -9.03 5.57 14.67
CA ILE A 229 -8.94 6.18 13.34
C ILE A 229 -9.56 7.56 13.36
N VAL A 230 -10.74 7.68 13.98
CA VAL A 230 -11.43 8.96 14.07
C VAL A 230 -10.59 9.96 14.86
N GLU A 231 -9.96 9.51 15.95
CA GLU A 231 -9.11 10.41 16.71
C GLU A 231 -7.89 10.86 15.91
N ILE A 232 -7.35 9.98 15.07
CA ILE A 232 -6.25 10.39 14.19
C ILE A 232 -6.72 11.47 13.22
N THR A 233 -7.86 11.26 12.55
CA THR A 233 -8.27 12.23 11.54
C THR A 233 -8.69 13.54 12.19
N ASP A 234 -9.35 13.48 13.35
CA ASP A 234 -9.65 14.69 14.11
C ASP A 234 -8.38 15.48 14.42
N ALA A 235 -7.33 14.78 14.84
CA ALA A 235 -6.11 15.46 15.21
C ALA A 235 -5.34 15.94 13.99
N ILE A 236 -5.41 15.21 12.88
CA ILE A 236 -4.79 15.68 11.64
C ILE A 236 -5.46 16.96 11.16
N ARG A 237 -6.78 17.04 11.26
CA ARG A 237 -7.50 18.20 10.74
C ARG A 237 -7.18 19.48 11.52
N LYS A 238 -6.75 19.36 12.77
CA LYS A 238 -6.31 20.52 13.52
C LYS A 238 -4.96 21.06 13.05
N ARG A 239 -4.27 20.35 12.14
CA ARG A 239 -2.88 20.71 11.89
C ARG A 239 -2.54 20.93 10.43
N VAL A 240 -3.26 20.26 9.52
CA VAL A 240 -3.00 20.38 8.10
C VAL A 240 -4.12 21.20 7.46
N SER A 241 -3.84 21.68 6.25
CA SER A 241 -4.82 22.44 5.50
C SER A 241 -6.00 21.55 5.10
N SER A 242 -7.18 22.16 4.98
CA SER A 242 -8.33 21.40 4.50
C SER A 242 -8.15 20.94 3.05
N SER A 243 -7.17 21.47 2.31
CA SER A 243 -6.92 20.99 0.95
C SER A 243 -6.07 19.72 0.92
N PHE A 244 -5.50 19.32 2.05
CA PHE A 244 -4.69 18.09 2.09
C PHE A 244 -5.61 16.87 1.97
N VAL A 245 -5.31 15.99 1.00
CA VAL A 245 -6.14 14.81 0.79
C VAL A 245 -5.96 13.82 1.92
N VAL A 246 -7.05 13.22 2.38
CA VAL A 246 -7.01 12.21 3.45
C VAL A 246 -7.77 10.98 2.98
N GLY A 247 -7.07 9.85 2.88
CA GLY A 247 -7.69 8.60 2.48
C GLY A 247 -7.40 7.47 3.46
N ILE A 248 -8.04 6.33 3.22
CA ILE A 248 -7.77 5.16 4.05
C ILE A 248 -7.89 3.92 3.18
N LYS A 249 -7.01 2.95 3.44
CA LYS A 249 -7.09 1.64 2.82
C LYS A 249 -7.76 0.67 3.78
N LEU A 250 -8.82 0.02 3.31
CA LEU A 250 -9.51 -0.97 4.12
C LEU A 250 -9.52 -2.29 3.37
N ASN A 251 -9.46 -3.39 4.13
CA ASN A 251 -9.40 -4.73 3.55
C ASN A 251 -10.50 -5.58 4.15
N SER A 252 -11.20 -6.33 3.29
CA SER A 252 -12.32 -7.13 3.77
C SER A 252 -11.91 -8.13 4.84
N VAL A 253 -10.64 -8.55 4.83
CA VAL A 253 -10.18 -9.60 5.75
C VAL A 253 -10.42 -9.19 7.20
N GLU A 254 -10.27 -7.89 7.51
CA GLU A 254 -10.44 -7.41 8.87
C GLU A 254 -11.88 -7.51 9.37
N PHE A 255 -12.87 -7.50 8.46
CA PHE A 255 -14.28 -7.57 8.82
C PHE A 255 -14.89 -8.93 8.53
N GLN A 256 -14.07 -9.91 8.17
CA GLN A 256 -14.54 -11.21 7.69
C GLN A 256 -14.85 -12.15 8.85
N ASP A 257 -15.89 -12.97 8.66
CA ASP A 257 -16.26 -14.01 9.63
C ASP A 257 -16.48 -13.44 11.03
N ASN A 258 -16.90 -12.18 11.09
CA ASN A 258 -17.01 -11.48 12.36
C ASN A 258 -18.20 -10.53 12.33
N GLY A 259 -19.40 -11.09 12.15
CA GLY A 259 -20.63 -10.33 12.28
C GLY A 259 -20.71 -9.07 11.45
N PHE A 260 -20.23 -9.11 10.22
CA PHE A 260 -20.42 -7.92 9.40
C PHE A 260 -21.85 -7.95 8.89
N ASN A 261 -22.49 -6.78 8.72
CA ASN A 261 -23.89 -6.75 8.23
C ASN A 261 -24.20 -5.37 7.65
N PRO A 262 -25.45 -5.11 7.20
CA PRO A 262 -25.80 -3.79 6.65
C PRO A 262 -25.63 -2.72 7.74
N ASP A 263 -26.04 -3.04 8.97
CA ASP A 263 -25.92 -2.12 10.12
C ASP A 263 -24.44 -1.76 10.33
N GLU A 264 -23.53 -2.69 10.02
CA GLU A 264 -22.08 -2.41 10.18
C GLU A 264 -21.59 -1.64 8.96
N ALA A 265 -21.98 -2.12 7.80
CA ALA A 265 -21.56 -1.45 6.57
C ALA A 265 -22.03 0.01 6.57
N ARG A 266 -23.25 0.26 7.04
CA ARG A 266 -23.76 1.62 7.11
C ARG A 266 -22.95 2.45 8.08
N GLN A 267 -22.60 1.88 9.23
CA GLN A 267 -21.82 2.64 10.21
C GLN A 267 -20.42 2.95 9.70
N ILE A 268 -19.81 2.01 8.97
CA ILE A 268 -18.51 2.29 8.36
C ILE A 268 -18.62 3.45 7.37
N CYS A 269 -19.67 3.44 6.54
CA CYS A 269 -19.82 4.53 5.57
C CYS A 269 -20.08 5.85 6.28
N LYS A 270 -20.87 5.82 7.36
CA LYS A 270 -21.09 7.02 8.16
C LYS A 270 -19.78 7.55 8.71
N ILE A 271 -18.95 6.66 9.26
CA ILE A 271 -17.65 7.05 9.80
C ILE A 271 -16.76 7.66 8.72
N LEU A 272 -16.72 7.04 7.53
CA LEU A 272 -15.88 7.56 6.45
C LEU A 272 -16.30 8.97 6.04
N GLU A 273 -17.60 9.20 5.87
CA GLU A 273 -18.01 10.46 5.30
C GLU A 273 -18.08 11.56 6.37
N GLU A 274 -18.50 11.22 7.59
CA GLU A 274 -18.57 12.23 8.64
C GLU A 274 -17.18 12.72 9.04
N ASN A 275 -16.16 11.89 8.86
CA ASN A 275 -14.79 12.27 9.14
C ASN A 275 -14.05 12.74 7.90
N LYS A 276 -14.78 12.98 6.81
CA LYS A 276 -14.27 13.72 5.66
C LYS A 276 -13.11 13.02 4.97
N PHE A 277 -13.20 11.70 4.84
CA PHE A 277 -12.24 11.00 4.01
C PHE A 277 -12.52 11.28 2.54
N ASP A 278 -11.49 11.75 1.82
CA ASP A 278 -11.63 11.99 0.39
C ASP A 278 -11.84 10.70 -0.37
N PHE A 279 -11.19 9.62 0.06
CA PHE A 279 -11.37 8.35 -0.63
C PHE A 279 -11.15 7.21 0.33
N VAL A 280 -11.76 6.07 -0.01
CA VAL A 280 -11.43 4.80 0.61
C VAL A 280 -10.95 3.87 -0.48
N GLU A 281 -9.85 3.18 -0.21
CA GLU A 281 -9.32 2.19 -1.14
C GLU A 281 -9.68 0.82 -0.57
N LEU A 282 -10.52 0.08 -1.30
CA LEU A 282 -11.05 -1.20 -0.85
C LEU A 282 -10.22 -2.33 -1.44
N SER A 283 -9.77 -3.25 -0.59
CA SER A 283 -8.94 -4.39 -1.02
C SER A 283 -9.41 -5.64 -0.31
N GLY A 284 -8.84 -6.79 -0.71
CA GLY A 284 -9.17 -8.04 -0.04
C GLY A 284 -9.49 -9.17 -0.98
N GLY A 285 -9.78 -8.82 -2.23
CA GLY A 285 -10.10 -9.80 -3.24
C GLY A 285 -9.82 -9.21 -4.59
N THR A 286 -10.43 -9.79 -5.62
CA THR A 286 -10.28 -9.27 -6.97
C THR A 286 -11.64 -9.02 -7.59
N TYR A 287 -11.72 -7.97 -8.40
CA TYR A 287 -12.89 -7.73 -9.25
C TYR A 287 -12.77 -8.52 -10.55
N GLU A 288 -11.64 -8.38 -11.24
CA GLU A 288 -11.34 -9.15 -12.45
C GLU A 288 -10.85 -10.54 -12.06
N LYS A 289 -11.54 -11.58 -12.53
CA LYS A 289 -11.20 -12.95 -12.18
C LYS A 289 -10.11 -13.50 -13.10
N ASN A 290 -9.21 -14.29 -12.52
CA ASN A 290 -8.15 -14.91 -13.30
C ASN A 290 -8.66 -16.19 -13.97
N ALA A 291 -8.01 -16.56 -15.07
CA ALA A 291 -8.54 -17.58 -15.99
C ALA A 291 -8.17 -18.99 -15.51
N PHE A 292 -8.83 -19.39 -14.41
CA PHE A 292 -8.78 -20.77 -13.90
C PHE A 292 -7.35 -21.29 -13.78
N VAL A 293 -6.46 -20.45 -13.28
CA VAL A 293 -5.04 -20.76 -13.36
C VAL A 293 -4.62 -21.83 -12.35
N HIS A 294 -5.30 -21.91 -11.21
CA HIS A 294 -4.78 -22.71 -10.11
C HIS A 294 -5.89 -22.96 -9.09
N GLN A 295 -5.62 -23.89 -8.17
CA GLN A 295 -6.54 -24.24 -7.10
C GLN A 295 -7.04 -23.00 -6.35
N ARG A 296 -8.33 -23.00 -6.01
CA ARG A 296 -8.97 -21.88 -5.36
C ARG A 296 -9.60 -22.24 -4.02
N GLU A 297 -9.30 -23.42 -3.46
CA GLU A 297 -9.85 -23.77 -2.15
C GLU A 297 -9.42 -22.75 -1.10
N THR A 298 -8.14 -22.37 -1.12
CA THR A 298 -7.54 -21.53 -0.09
C THR A 298 -7.85 -20.05 -0.25
N THR A 299 -8.57 -19.65 -1.31
CA THR A 299 -8.95 -18.27 -1.51
C THR A 299 -10.45 -18.05 -1.55
N LYS A 300 -11.26 -19.11 -1.47
CA LYS A 300 -12.69 -18.98 -1.71
C LYS A 300 -13.37 -18.10 -0.67
N LYS A 301 -13.15 -18.38 0.62
CA LYS A 301 -13.88 -17.65 1.65
C LYS A 301 -13.46 -16.18 1.71
N ARG A 302 -12.19 -15.87 1.43
CA ARG A 302 -11.77 -14.48 1.34
C ARG A 302 -12.44 -13.76 0.18
N GLU A 303 -12.46 -14.37 -1.00
CA GLU A 303 -13.03 -13.70 -2.20
C GLU A 303 -14.54 -13.51 -2.07
N GLY A 304 -15.24 -14.50 -1.54
CA GLY A 304 -16.70 -14.34 -1.39
C GLY A 304 -17.03 -13.18 -0.48
N PHE A 305 -16.34 -13.07 0.65
CA PHE A 305 -16.62 -11.95 1.57
C PHE A 305 -16.21 -10.60 0.94
N PHE A 306 -15.14 -10.57 0.17
CA PHE A 306 -14.76 -9.29 -0.42
C PHE A 306 -15.87 -8.75 -1.31
N LEU A 307 -16.53 -9.63 -2.06
CA LEU A 307 -17.68 -9.20 -2.86
C LEU A 307 -18.77 -8.60 -1.99
N GLU A 308 -19.13 -9.29 -0.91
CA GLU A 308 -20.12 -8.79 0.02
C GLU A 308 -19.68 -7.46 0.62
N PHE A 309 -18.41 -7.38 1.03
CA PHE A 309 -17.83 -6.17 1.61
C PHE A 309 -17.92 -4.98 0.65
N ALA A 310 -17.40 -5.16 -0.56
CA ALA A 310 -17.33 -4.04 -1.49
C ALA A 310 -18.70 -3.62 -1.98
N GLU A 311 -19.60 -4.59 -2.22
CA GLU A 311 -20.96 -4.26 -2.64
C GLU A 311 -21.82 -3.70 -1.50
N SER A 312 -21.37 -3.79 -0.26
CA SER A 312 -22.08 -3.20 0.86
C SER A 312 -21.61 -1.80 1.19
N ILE A 313 -20.42 -1.42 0.72
CA ILE A 313 -19.80 -0.14 1.04
C ILE A 313 -19.90 0.82 -0.14
N ALA A 314 -19.37 0.43 -1.29
CA ALA A 314 -19.25 1.36 -2.41
C ALA A 314 -20.58 1.99 -2.83
N PRO A 315 -21.70 1.25 -2.95
CA PRO A 315 -22.94 1.91 -3.40
C PRO A 315 -23.50 2.90 -2.40
N VAL A 316 -23.10 2.82 -1.14
CA VAL A 316 -23.62 3.72 -0.12
C VAL A 316 -22.89 5.05 -0.11
N LEU A 317 -21.59 5.04 -0.41
CA LEU A 317 -20.79 6.26 -0.34
C LEU A 317 -21.13 7.17 -1.51
N SER A 318 -21.04 8.47 -1.27
CA SER A 318 -21.28 9.46 -2.30
C SER A 318 -20.21 10.54 -2.25
N LYS A 319 -20.07 11.20 -1.09
CA LYS A 319 -19.04 12.23 -0.94
C LYS A 319 -17.65 11.61 -0.94
N THR A 320 -17.46 10.56 -0.14
CA THR A 320 -16.21 9.83 -0.17
C THR A 320 -16.13 9.02 -1.45
N LYS A 321 -15.00 9.11 -2.16
CA LYS A 321 -14.82 8.36 -3.39
C LYS A 321 -14.24 6.98 -3.10
N THR A 322 -14.46 6.04 -4.00
CA THR A 322 -14.03 4.67 -3.80
C THR A 322 -13.07 4.21 -4.89
N TYR A 323 -12.05 3.47 -4.48
CA TYR A 323 -11.19 2.72 -5.38
C TYR A 323 -11.29 1.25 -4.99
N ILE A 324 -11.10 0.36 -5.95
CA ILE A 324 -10.85 -1.06 -5.67
C ILE A 324 -9.47 -1.38 -6.19
N THR A 325 -8.65 -2.00 -5.34
CA THR A 325 -7.31 -2.44 -5.70
C THR A 325 -7.22 -3.94 -5.52
N GLY A 326 -6.81 -4.64 -6.57
CA GLY A 326 -6.59 -6.07 -6.46
C GLY A 326 -7.01 -6.81 -7.72
N GLY A 327 -6.02 -7.28 -8.46
CA GLY A 327 -6.25 -8.18 -9.57
C GLY A 327 -6.56 -7.55 -10.92
N PHE A 328 -6.61 -6.23 -11.03
CA PHE A 328 -6.92 -5.63 -12.32
C PHE A 328 -5.79 -5.83 -13.31
N LYS A 329 -6.14 -6.28 -14.53
CA LYS A 329 -5.17 -6.55 -15.59
C LYS A 329 -5.53 -5.89 -16.92
N SER A 330 -6.82 -5.71 -17.20
CA SER A 330 -7.26 -5.38 -18.55
C SER A 330 -8.25 -4.24 -18.55
N VAL A 331 -8.31 -3.52 -19.67
CA VAL A 331 -9.19 -2.36 -19.80
C VAL A 331 -10.65 -2.77 -19.58
N GLY A 332 -11.07 -3.88 -20.20
CA GLY A 332 -12.47 -4.29 -20.09
C GLY A 332 -12.93 -4.43 -18.65
N ALA A 333 -12.12 -5.07 -17.81
CA ALA A 333 -12.49 -5.23 -16.41
C ALA A 333 -12.41 -3.91 -15.64
N MET A 334 -11.42 -3.08 -15.97
CA MET A 334 -11.26 -1.82 -15.24
C MET A 334 -12.43 -0.89 -15.52
N VAL A 335 -12.88 -0.84 -16.78
CA VAL A 335 -14.03 -0.02 -17.13
C VAL A 335 -15.30 -0.57 -16.49
N ALA A 336 -15.44 -1.90 -16.45
CA ALA A 336 -16.61 -2.51 -15.82
C ALA A 336 -16.69 -2.15 -14.34
N ALA A 337 -15.54 -2.06 -13.68
CA ALA A 337 -15.52 -1.74 -12.25
C ALA A 337 -16.02 -0.32 -11.98
N LEU A 338 -15.89 0.57 -12.97
CA LEU A 338 -16.40 1.92 -12.78
C LEU A 338 -17.91 1.97 -12.66
N ASP A 339 -18.62 0.86 -12.92
CA ASP A 339 -20.04 0.77 -12.62
C ASP A 339 -20.30 0.66 -11.13
N VAL A 340 -19.28 0.34 -10.34
CA VAL A 340 -19.41 0.12 -8.91
C VAL A 340 -18.62 1.15 -8.12
N VAL A 341 -17.42 1.50 -8.58
CA VAL A 341 -16.53 2.38 -7.83
C VAL A 341 -16.08 3.53 -8.72
N ASP A 342 -15.37 4.49 -8.10
CA ASP A 342 -14.91 5.68 -8.81
C ASP A 342 -13.59 5.48 -9.52
N GLY A 343 -12.72 4.59 -9.04
CA GLY A 343 -11.41 4.44 -9.64
C GLY A 343 -10.87 3.06 -9.39
N VAL A 344 -9.77 2.74 -10.07
CA VAL A 344 -9.17 1.41 -9.99
C VAL A 344 -7.72 1.55 -9.55
N GLY A 345 -7.32 0.68 -8.64
CA GLY A 345 -5.96 0.64 -8.15
C GLY A 345 -5.24 -0.55 -8.76
N LEU A 346 -3.97 -0.33 -9.13
CA LEU A 346 -3.08 -1.33 -9.67
C LEU A 346 -1.78 -1.27 -8.90
N ALA A 347 -1.29 -2.43 -8.46
CA ALA A 347 -0.01 -2.48 -7.78
C ALA A 347 0.98 -3.31 -8.58
N ARG A 348 0.85 -4.64 -8.53
CA ARG A 348 1.83 -5.49 -9.22
C ARG A 348 1.98 -5.15 -10.69
N PRO A 349 0.92 -4.84 -11.46
CA PRO A 349 1.14 -4.48 -12.87
C PRO A 349 1.96 -3.22 -13.06
N LEU A 350 1.92 -2.28 -12.11
CA LEU A 350 2.67 -1.05 -12.26
C LEU A 350 4.11 -1.18 -11.75
N ALA A 351 4.45 -2.29 -11.08
CA ALA A 351 5.86 -2.59 -10.86
C ALA A 351 6.48 -3.17 -12.13
N GLN A 352 5.80 -4.13 -12.76
CA GLN A 352 6.29 -4.71 -14.02
C GLN A 352 6.24 -3.69 -15.15
N GLU A 353 5.26 -2.77 -15.15
CA GLU A 353 5.11 -1.76 -16.20
C GLU A 353 4.79 -0.42 -15.59
N PRO A 354 5.81 0.34 -15.19
CA PRO A 354 5.54 1.65 -14.55
C PRO A 354 4.81 2.63 -15.44
N ARG A 355 4.79 2.41 -16.77
CA ARG A 355 4.13 3.31 -17.70
C ARG A 355 2.80 2.76 -18.23
N LEU A 356 2.25 1.74 -17.58
CA LEU A 356 1.06 1.06 -18.11
C LEU A 356 -0.13 2.01 -18.24
N CYS A 357 -0.33 2.88 -17.26
CA CYS A 357 -1.49 3.78 -17.34
C CYS A 357 -1.38 4.71 -18.54
N LYS A 358 -0.20 5.26 -18.79
CA LYS A 358 0.01 6.07 -19.98
C LYS A 358 -0.28 5.26 -21.24
N ASP A 359 0.20 4.02 -21.28
CA ASP A 359 0.03 3.20 -22.48
C ASP A 359 -1.43 2.81 -22.70
N ILE A 360 -2.17 2.56 -21.61
CA ILE A 360 -3.60 2.29 -21.71
C ILE A 360 -4.33 3.51 -22.25
N LEU A 361 -4.06 4.69 -21.69
CA LEU A 361 -4.82 5.88 -22.08
C LEU A 361 -4.51 6.31 -23.51
N GLU A 362 -3.29 6.06 -24.00
CA GLU A 362 -2.95 6.39 -25.38
C GLU A 362 -3.35 5.30 -26.36
N GLY A 363 -3.85 4.16 -25.87
CA GLY A 363 -4.35 3.12 -26.75
C GLY A 363 -3.32 2.17 -27.30
N THR A 364 -2.11 2.14 -26.74
CA THR A 364 -1.11 1.21 -27.26
C THR A 364 -1.30 -0.20 -26.76
N VAL A 365 -1.81 -0.37 -25.53
CA VAL A 365 -2.11 -1.69 -24.99
C VAL A 365 -3.49 -1.65 -24.34
N THR A 366 -4.06 -2.84 -24.17
CA THR A 366 -5.32 -2.99 -23.44
C THR A 366 -5.22 -3.94 -22.27
N GLY A 367 -4.03 -4.49 -22.01
CA GLY A 367 -3.86 -5.39 -20.88
C GLY A 367 -2.42 -5.35 -20.42
N ALA A 368 -2.24 -5.60 -19.13
CA ALA A 368 -0.90 -5.70 -18.55
C ALA A 368 -0.17 -6.92 -19.11
N ILE A 369 1.16 -6.88 -18.99
CA ILE A 369 1.99 -8.04 -19.29
C ILE A 369 1.51 -9.23 -18.47
N LYS A 370 1.33 -10.37 -19.14
CA LYS A 370 0.94 -11.61 -18.48
C LYS A 370 2.20 -12.34 -18.06
N GLN A 371 2.64 -12.06 -16.83
CA GLN A 371 3.91 -12.61 -16.28
C GLN A 371 3.81 -14.13 -16.10
N ARG A 372 4.88 -14.90 -16.22
CA ARG A 372 4.77 -16.38 -16.09
C ARG A 372 4.81 -16.84 -14.63
N ILE A 373 4.07 -16.13 -13.77
CA ILE A 373 4.00 -16.49 -12.32
C ILE A 373 2.52 -16.63 -11.96
N ASP A 374 2.14 -17.74 -11.32
CA ASP A 374 0.73 -17.96 -10.93
C ASP A 374 0.33 -16.78 -10.06
N GLU A 375 -0.81 -16.17 -10.39
CA GLU A 375 -1.32 -14.97 -9.66
C GLU A 375 -1.67 -15.31 -8.21
N ASN A 376 -1.91 -16.60 -7.91
CA ASN A 376 -2.27 -16.97 -6.52
C ASN A 376 -1.00 -17.32 -5.73
N ASN A 377 0.14 -17.36 -6.41
CA ASN A 377 1.44 -17.58 -5.73
C ASN A 377 1.87 -16.22 -5.19
N PHE A 378 1.18 -15.78 -4.16
CA PHE A 378 1.37 -14.45 -3.54
C PHE A 378 2.83 -14.18 -3.15
N ILE A 379 3.53 -15.16 -2.56
CA ILE A 379 4.90 -14.89 -2.13
C ILE A 379 5.76 -14.54 -3.34
N LEU A 380 5.63 -15.31 -4.42
CA LEU A 380 6.48 -15.09 -5.58
C LEU A 380 6.07 -13.83 -6.35
N THR A 381 4.77 -13.57 -6.51
CA THR A 381 4.38 -12.34 -7.19
C THR A 381 4.82 -11.11 -6.41
N ASN A 382 4.84 -11.20 -5.08
CA ASN A 382 5.30 -10.06 -4.31
C ASN A 382 6.80 -9.86 -4.46
N ILE A 383 7.58 -10.94 -4.44
CA ILE A 383 9.02 -10.82 -4.67
C ILE A 383 9.30 -10.24 -6.04
N ALA A 384 8.58 -10.70 -7.07
CA ALA A 384 8.75 -10.15 -8.41
C ALA A 384 8.51 -8.64 -8.42
N ALA A 385 7.41 -8.18 -7.81
CA ALA A 385 7.12 -6.76 -7.87
C ALA A 385 8.19 -5.94 -7.15
N GLY A 386 8.62 -6.41 -5.97
CA GLY A 386 9.68 -5.69 -5.28
C GLY A 386 10.98 -5.65 -6.07
N THR A 387 11.29 -6.75 -6.74
CA THR A 387 12.49 -6.80 -7.58
C THR A 387 12.42 -5.79 -8.72
N GLN A 388 11.24 -5.64 -9.34
CA GLN A 388 11.11 -4.64 -10.40
C GLN A 388 11.29 -3.23 -9.87
N MET A 389 10.72 -2.94 -8.69
CA MET A 389 10.90 -1.61 -8.11
C MET A 389 12.39 -1.33 -7.89
N ARG A 390 13.13 -2.33 -7.40
CA ARG A 390 14.56 -2.17 -7.19
C ARG A 390 15.29 -1.87 -8.51
N LEU A 391 14.89 -2.53 -9.60
CA LEU A 391 15.49 -2.23 -10.90
C LEU A 391 15.22 -0.79 -11.32
N VAL A 392 13.97 -0.35 -11.19
CA VAL A 392 13.64 1.01 -11.60
C VAL A 392 14.33 2.02 -10.71
N GLY A 393 14.48 1.70 -9.42
CA GLY A 393 15.28 2.53 -8.55
C GLY A 393 16.69 2.76 -9.07
N LYS A 394 17.31 1.71 -9.64
CA LYS A 394 18.62 1.80 -10.27
C LYS A 394 18.56 2.42 -11.67
N ASP A 395 17.39 2.91 -12.08
CA ASP A 395 17.13 3.43 -13.44
C ASP A 395 17.44 2.39 -14.51
N GLN A 396 17.06 1.14 -14.23
CA GLN A 396 17.02 0.09 -15.22
C GLN A 396 15.58 -0.28 -15.51
N GLU A 397 15.35 -0.80 -16.71
CA GLU A 397 14.02 -1.20 -17.10
C GLU A 397 13.62 -2.48 -16.37
N PRO A 398 12.34 -2.65 -16.03
CA PRO A 398 11.87 -3.93 -15.49
C PRO A 398 12.20 -5.10 -16.42
N ILE A 399 12.43 -6.26 -15.81
CA ILE A 399 12.62 -7.50 -16.55
C ILE A 399 11.26 -8.05 -16.94
N ASP A 400 11.10 -8.39 -18.22
CA ASP A 400 9.84 -8.88 -18.76
C ASP A 400 9.62 -10.32 -18.32
N LEU A 401 8.82 -10.53 -17.27
CA LEU A 401 8.62 -11.89 -16.79
C LEU A 401 7.55 -12.65 -17.56
N SER A 402 7.05 -12.10 -18.67
CA SER A 402 6.29 -12.93 -19.60
C SER A 402 7.19 -13.79 -20.49
N GLN A 403 8.49 -13.51 -20.51
CA GLN A 403 9.43 -14.25 -21.35
C GLN A 403 9.93 -15.48 -20.60
N GLU A 404 9.73 -16.66 -21.18
CA GLU A 404 10.29 -17.88 -20.59
C GLU A 404 11.79 -17.73 -20.33
N GLU A 405 12.49 -17.04 -21.24
CA GLU A 405 13.93 -16.85 -21.10
C GLU A 405 14.27 -16.15 -19.79
N ASN A 406 13.46 -15.16 -19.38
CA ASN A 406 13.81 -14.41 -18.18
C ASN A 406 13.42 -15.10 -16.88
N MET A 407 12.57 -16.12 -16.94
CA MET A 407 12.11 -16.74 -15.70
C MET A 407 13.22 -17.52 -15.01
N GLY A 408 14.04 -18.22 -15.79
CA GLY A 408 15.14 -18.98 -15.24
C GLY A 408 16.08 -18.17 -14.38
N PRO A 409 16.72 -17.15 -14.98
CA PRO A 409 17.63 -16.30 -14.19
C PRO A 409 16.94 -15.59 -13.04
N PHE A 410 15.68 -15.18 -13.20
CA PHE A 410 14.97 -14.58 -12.10
C PHE A 410 14.86 -15.54 -10.92
N LEU A 411 14.38 -16.77 -11.17
CA LEU A 411 14.22 -17.73 -10.08
C LEU A 411 15.55 -18.05 -9.43
N GLN A 412 16.61 -18.17 -10.24
CA GLN A 412 17.95 -18.37 -9.70
C GLN A 412 18.33 -17.23 -8.74
N ASP A 413 18.03 -16.00 -9.11
CA ASP A 413 18.33 -14.86 -8.23
C ASP A 413 17.42 -14.85 -7.00
N VAL A 414 16.16 -15.27 -7.14
CA VAL A 414 15.32 -15.40 -5.96
C VAL A 414 15.94 -16.40 -4.98
N GLY A 415 16.42 -17.53 -5.50
CA GLY A 415 17.09 -18.49 -4.64
C GLY A 415 18.31 -17.89 -3.95
N THR A 416 19.15 -17.18 -4.71
CA THR A 416 20.34 -16.58 -4.13
C THR A 416 19.98 -15.55 -3.07
N TRP A 417 18.91 -14.79 -3.32
CA TRP A 417 18.46 -13.79 -2.36
C TRP A 417 17.95 -14.43 -1.07
N THR A 418 17.15 -15.48 -1.19
CA THR A 418 16.69 -16.21 -0.01
C THR A 418 17.87 -16.76 0.78
N GLU A 419 18.89 -17.24 0.07
CA GLU A 419 20.14 -17.67 0.72
C GLU A 419 20.74 -16.55 1.55
N LYS A 420 20.84 -15.36 0.96
CA LYS A 420 21.44 -14.22 1.65
C LYS A 420 20.63 -13.82 2.87
N MET A 421 19.31 -13.85 2.75
CA MET A 421 18.45 -13.48 3.88
C MET A 421 18.42 -14.56 4.96
N ALA A 422 18.69 -15.82 4.59
CA ALA A 422 18.78 -16.88 5.58
C ALA A 422 20.06 -16.75 6.40
N ASN A 423 21.17 -16.41 5.74
CA ASN A 423 22.45 -16.18 6.41
C ASN A 423 22.64 -14.73 6.84
N ASN A 424 21.55 -14.01 7.10
CA ASN A 424 21.62 -12.60 7.49
C ASN A 424 21.66 -12.47 9.01
N THR A 425 22.65 -13.14 9.62
CA THR A 425 22.76 -13.18 11.11
C THR A 425 22.88 -11.77 11.69
N ASN A 426 23.69 -10.93 11.06
CA ASN A 426 24.00 -9.53 11.46
C ASN A 426 22.84 -8.56 11.14
N GLN A 427 21.86 -8.99 10.35
CA GLN A 427 20.68 -8.18 9.95
C GLN A 427 21.04 -6.96 9.10
N ARG A 428 22.24 -6.90 8.51
CA ARG A 428 22.61 -5.74 7.70
C ARG A 428 21.98 -5.76 6.31
N GLU A 429 21.61 -6.93 5.80
CA GLU A 429 21.02 -7.01 4.47
C GLU A 429 19.53 -6.66 4.51
N TYR A 430 19.05 -6.02 3.45
CA TYR A 430 17.65 -5.65 3.38
C TYR A 430 17.26 -5.45 1.92
N GLY A 431 15.96 -5.31 1.68
CA GLY A 431 15.50 -5.03 0.34
C GLY A 431 15.15 -6.28 -0.44
N TYR A 432 14.84 -6.06 -1.71
CA TYR A 432 14.40 -7.16 -2.57
C TYR A 432 15.59 -7.72 -3.35
N VAL A 433 15.28 -8.60 -4.30
CA VAL A 433 16.30 -9.34 -5.04
C VAL A 433 17.18 -8.39 -5.84
N ASP A 434 18.49 -8.64 -5.84
CA ASP A 434 19.44 -8.00 -6.75
C ASP A 434 19.56 -8.88 -7.99
N ILE A 435 19.24 -8.32 -9.16
CA ILE A 435 19.33 -9.09 -10.39
C ILE A 435 20.81 -9.22 -10.81
N THR A 436 21.23 -10.45 -11.10
CA THR A 436 22.61 -10.68 -11.49
C THR A 436 22.85 -10.43 -12.98
N SER A 437 21.80 -10.49 -13.79
CA SER A 437 21.93 -10.42 -15.24
C SER A 437 22.64 -9.16 -15.69
N ALA A 438 23.65 -9.33 -16.55
CA ALA A 438 24.26 -8.23 -17.29
C ALA A 438 23.35 -7.70 -18.40
N GLN A 439 22.25 -8.38 -18.71
CA GLN A 439 21.41 -7.99 -19.82
C GLN A 439 20.33 -6.99 -19.43
N VAL A 440 20.37 -6.48 -18.20
CA VAL A 440 19.50 -5.36 -17.85
C VAL A 440 19.84 -4.17 -18.75
N VAL A 441 18.84 -3.31 -19.00
CA VAL A 441 19.03 -2.17 -19.90
C VAL A 441 18.60 -0.90 -19.19
N PRO A 442 19.14 0.25 -19.61
CA PRO A 442 18.72 1.53 -18.99
C PRO A 442 17.22 1.74 -19.12
N TYR A 443 16.65 2.38 -18.11
CA TYR A 443 15.20 2.57 -18.05
C TYR A 443 14.69 3.22 -19.33
N GLY A 444 13.56 2.71 -19.82
CA GLY A 444 13.04 3.17 -21.10
C GLY A 444 13.66 2.48 -22.29
N THR A 445 14.21 1.28 -22.08
CA THR A 445 15.00 0.54 -23.06
C THR A 445 16.16 1.38 -23.58
#